data_7KY1
#
_entry.id   7KY1
#
_cell.length_a   60.500
_cell.length_b   115.720
_cell.length_c   53.090
_cell.angle_alpha   90.000
_cell.angle_beta   90.000
_cell.angle_gamma   90.000
#
_symmetry.space_group_name_H-M   'C 2 2 2'
#
loop_
_entity.id
_entity.type
_entity.pdbx_description
1 polymer 'TetR family transcriptional regulator'
2 water water
#
_entity_poly.entity_id   1
_entity_poly.type   'polypeptide(L)'
_entity_poly.pdbx_seq_one_letter_code
;MTSAQQPTPFAVRSNVPRGPHPQQERSIKTRAQILEAASEIFASRGYRGASVKDVAERVGMTKGAVYFHFPSKESLAIAV
VEEHYARWPAAMEEIRIQGFTPLETVEEMLHRAAQAFRDDPVMQAGARLQSERASIDAELPLPYVDWTHLLEVPLQDARE
AGQLRAGVDPAAAARSLVAAFFGMQHVSDNLHQRADIMERWQELRELMFFALRA
;
_entity_poly.pdbx_strand_id   A
#
# COMPACT_ATOMS: atom_id res chain seq x y z
N ARG A 26 -19.02 15.15 -7.74
CA ARG A 26 -19.53 14.63 -6.48
C ARG A 26 -18.68 15.13 -5.31
N SER A 27 -19.26 15.13 -4.11
CA SER A 27 -18.59 15.68 -2.96
C SER A 27 -17.39 14.83 -2.53
N ILE A 28 -16.24 15.48 -2.36
CA ILE A 28 -15.06 14.82 -1.83
C ILE A 28 -15.29 14.37 -0.39
N LYS A 29 -15.98 15.19 0.41
CA LYS A 29 -16.31 14.76 1.76
C LYS A 29 -17.09 13.46 1.74
N THR A 30 -18.11 13.38 0.88
CA THR A 30 -18.94 12.17 0.86
C THR A 30 -18.14 10.97 0.34
N ARG A 31 -17.34 11.16 -0.71
CA ARG A 31 -16.55 10.05 -1.23
C ARG A 31 -15.56 9.54 -0.19
N ALA A 32 -14.89 10.45 0.51
CA ALA A 32 -13.97 10.02 1.56
C ALA A 32 -14.67 9.25 2.66
N GLN A 33 -15.86 9.70 3.08
CA GLN A 33 -16.61 8.97 4.11
C GLN A 33 -16.89 7.54 3.67
N ILE A 34 -17.40 7.39 2.45
CA ILE A 34 -17.72 6.07 1.91
C ILE A 34 -16.48 5.22 1.78
N LEU A 35 -15.37 5.82 1.32
CA LEU A 35 -14.16 5.02 1.15
C LEU A 35 -13.58 4.55 2.49
N GLU A 36 -13.72 5.36 3.54
CA GLU A 36 -13.23 4.94 4.84
C GLU A 36 -14.06 3.77 5.36
N ALA A 37 -15.39 3.86 5.25
CA ALA A 37 -16.22 2.75 5.68
C ALA A 37 -15.98 1.51 4.85
N ALA A 38 -15.88 1.68 3.53
CA ALA A 38 -15.61 0.54 2.66
C ALA A 38 -14.29 -0.12 2.98
N SER A 39 -13.25 0.67 3.29
CA SER A 39 -11.97 0.07 3.65
CA SER A 39 -11.97 0.08 3.65
C SER A 39 -12.08 -0.74 4.94
N GLU A 40 -12.81 -0.22 5.93
CA GLU A 40 -12.96 -0.98 7.17
C GLU A 40 -13.65 -2.31 6.90
N ILE A 41 -14.72 -2.29 6.12
CA ILE A 41 -15.50 -3.48 5.87
C ILE A 41 -14.75 -4.45 4.94
N PHE A 42 -14.09 -3.93 3.90
CA PHE A 42 -13.32 -4.80 3.01
C PHE A 42 -12.15 -5.45 3.74
N ALA A 43 -11.45 -4.68 4.60
CA ALA A 43 -10.33 -5.26 5.34
C ALA A 43 -10.82 -6.32 6.30
N SER A 44 -11.95 -6.04 6.99
CA SER A 44 -12.45 -6.93 8.04
C SER A 44 -13.04 -8.20 7.45
N ARG A 45 -13.76 -8.09 6.33
CA ARG A 45 -14.58 -9.17 5.81
C ARG A 45 -14.16 -9.71 4.44
N GLY A 46 -13.33 -8.99 3.69
CA GLY A 46 -13.09 -9.35 2.31
C GLY A 46 -14.20 -8.85 1.38
N TYR A 47 -14.02 -9.14 0.09
CA TYR A 47 -14.94 -8.60 -0.92
C TYR A 47 -16.34 -9.22 -0.77
N ARG A 48 -16.42 -10.53 -0.64
CA ARG A 48 -17.76 -11.15 -0.64
C ARG A 48 -18.55 -10.81 0.61
N GLY A 49 -17.92 -10.81 1.78
CA GLY A 49 -18.64 -10.48 3.00
C GLY A 49 -19.05 -9.02 3.10
N ALA A 50 -18.40 -8.14 2.35
CA ALA A 50 -18.79 -6.74 2.31
C ALA A 50 -20.04 -6.56 1.48
N SER A 51 -20.88 -5.61 1.90
CA SER A 51 -22.07 -5.25 1.15
C SER A 51 -22.19 -3.74 1.10
N VAL A 52 -22.71 -3.23 -0.02
CA VAL A 52 -23.04 -1.82 -0.12
C VAL A 52 -24.03 -1.43 0.98
N LYS A 53 -24.97 -2.33 1.30
CA LYS A 53 -25.89 -2.08 2.40
C LYS A 53 -25.14 -1.78 3.70
N ASP A 54 -24.15 -2.61 4.04
CA ASP A 54 -23.42 -2.39 5.28
C ASP A 54 -22.53 -1.14 5.23
N VAL A 55 -21.98 -0.82 4.06
CA VAL A 55 -21.23 0.42 3.92
C VAL A 55 -22.14 1.61 4.22
N ALA A 56 -23.34 1.61 3.61
CA ALA A 56 -24.28 2.69 3.83
C ALA A 56 -24.63 2.82 5.31
N GLU A 57 -24.84 1.69 5.99
CA GLU A 57 -25.21 1.75 7.40
C GLU A 57 -24.08 2.38 8.23
N ARG A 58 -22.83 2.02 7.93
CA ARG A 58 -21.70 2.52 8.69
C ARG A 58 -21.55 4.04 8.58
N VAL A 59 -21.89 4.61 7.41
CA VAL A 59 -21.74 6.05 7.20
C VAL A 59 -23.01 6.83 7.49
N GLY A 60 -24.09 6.16 7.87
CA GLY A 60 -25.35 6.85 8.09
C GLY A 60 -25.96 7.41 6.82
N MET A 61 -25.78 6.73 5.69
CA MET A 61 -26.36 7.13 4.42
C MET A 61 -27.30 6.04 3.91
N THR A 62 -28.19 6.43 3.00
CA THR A 62 -29.00 5.45 2.32
C THR A 62 -28.16 4.63 1.35
N LYS A 63 -28.67 3.45 1.00
CA LYS A 63 -28.06 2.68 -0.10
C LYS A 63 -27.95 3.54 -1.36
N GLY A 64 -29.02 4.28 -1.69
CA GLY A 64 -29.01 5.06 -2.92
C GLY A 64 -27.92 6.12 -2.94
N ALA A 65 -27.63 6.72 -1.78
CA ALA A 65 -26.57 7.71 -1.71
C ALA A 65 -25.21 7.09 -1.99
N VAL A 66 -25.01 5.85 -1.55
CA VAL A 66 -23.74 5.20 -1.86
C VAL A 66 -23.67 4.82 -3.34
N TYR A 67 -24.76 4.27 -3.88
CA TYR A 67 -24.77 3.90 -5.30
C TYR A 67 -24.62 5.13 -6.22
N PHE A 68 -25.08 6.29 -5.78
CA PHE A 68 -24.88 7.51 -6.56
C PHE A 68 -23.39 7.75 -6.79
N HIS A 69 -22.57 7.43 -5.80
CA HIS A 69 -21.14 7.67 -5.88
C HIS A 69 -20.36 6.48 -6.42
N PHE A 70 -20.85 5.27 -6.18
CA PHE A 70 -20.22 4.03 -6.64
C PHE A 70 -21.34 3.13 -7.13
N PRO A 71 -21.62 3.11 -8.42
CA PRO A 71 -22.83 2.42 -8.90
C PRO A 71 -22.79 0.94 -8.69
N SER A 72 -21.61 0.35 -8.46
CA SER A 72 -21.49 -1.09 -8.26
C SER A 72 -20.50 -1.38 -7.13
N LYS A 73 -20.67 -2.56 -6.53
CA LYS A 73 -19.69 -3.02 -5.55
C LYS A 73 -18.29 -3.06 -6.16
N GLU A 74 -18.20 -3.46 -7.43
CA GLU A 74 -16.91 -3.50 -8.11
C GLU A 74 -16.27 -2.12 -8.20
N SER A 75 -17.05 -1.09 -8.57
CA SER A 75 -16.48 0.25 -8.66
C SER A 75 -15.99 0.73 -7.30
N LEU A 76 -16.64 0.29 -6.22
CA LEU A 76 -16.19 0.64 -4.89
C LEU A 76 -14.87 -0.05 -4.56
N ALA A 77 -14.73 -1.32 -4.94
CA ALA A 77 -13.47 -2.03 -4.72
C ALA A 77 -12.32 -1.40 -5.49
N ILE A 78 -12.56 -1.06 -6.76
CA ILE A 78 -11.55 -0.37 -7.56
C ILE A 78 -11.10 0.92 -6.85
N ALA A 79 -12.06 1.70 -6.36
CA ALA A 79 -11.72 2.97 -5.71
C ALA A 79 -10.90 2.75 -4.46
N VAL A 80 -11.25 1.73 -3.65
CA VAL A 80 -10.48 1.43 -2.45
C VAL A 80 -9.06 1.04 -2.84
N VAL A 81 -8.90 0.22 -3.90
CA VAL A 81 -7.55 -0.16 -4.29
C VAL A 81 -6.76 1.05 -4.76
N GLU A 82 -7.37 1.90 -5.58
CA GLU A 82 -6.65 3.08 -6.03
C GLU A 82 -6.27 3.97 -4.85
N GLU A 83 -7.17 4.10 -3.87
CA GLU A 83 -6.87 4.98 -2.75
C GLU A 83 -5.71 4.45 -1.90
N HIS A 84 -5.53 3.12 -1.81
CA HIS A 84 -4.48 2.63 -0.94
C HIS A 84 -3.10 2.82 -1.55
N TYR A 85 -3.03 3.18 -2.83
CA TYR A 85 -1.77 3.59 -3.46
C TYR A 85 -1.56 5.09 -3.41
N ALA A 86 -2.60 5.87 -3.13
CA ALA A 86 -2.61 7.28 -3.44
C ALA A 86 -1.75 8.13 -2.50
N ARG A 87 -1.60 7.76 -1.22
CA ARG A 87 -0.91 8.66 -0.30
C ARG A 87 0.62 8.64 -0.47
N TRP A 88 1.16 7.68 -1.21
CA TRP A 88 2.59 7.41 -1.08
C TRP A 88 3.50 8.44 -1.77
N PRO A 89 3.14 9.02 -2.92
CA PRO A 89 3.98 10.12 -3.42
C PRO A 89 4.10 11.29 -2.44
N ALA A 90 3.00 11.66 -1.79
CA ALA A 90 3.08 12.73 -0.79
C ALA A 90 3.97 12.34 0.38
N ALA A 91 3.88 11.09 0.82
CA ALA A 91 4.74 10.60 1.89
C ALA A 91 6.19 10.69 1.50
N MET A 92 6.52 10.43 0.22
CA MET A 92 7.93 10.44 -0.15
C MET A 92 8.49 11.86 -0.15
N GLU A 93 7.68 12.84 -0.56
CA GLU A 93 8.11 14.23 -0.44
C GLU A 93 8.30 14.61 1.03
N GLU A 94 7.37 14.23 1.90
CA GLU A 94 7.54 14.55 3.32
C GLU A 94 8.83 13.96 3.87
N ILE A 95 9.16 12.73 3.48
CA ILE A 95 10.36 12.09 3.99
C ILE A 95 11.61 12.83 3.54
N ARG A 96 11.62 13.31 2.29
N ARG A 96 11.61 13.34 2.31
CA ARG A 96 12.74 14.12 1.84
CA ARG A 96 12.78 14.10 1.87
C ARG A 96 12.93 15.34 2.73
C ARG A 96 12.94 15.39 2.66
N ILE A 97 11.83 16.01 3.07
CA ILE A 97 11.90 17.21 3.90
C ILE A 97 12.40 16.85 5.30
N GLN A 98 12.17 15.63 5.76
CA GLN A 98 12.74 15.21 7.04
C GLN A 98 14.25 15.04 6.98
N GLY A 99 14.88 15.26 5.83
CA GLY A 99 16.33 15.24 5.73
C GLY A 99 16.94 13.92 5.32
N PHE A 100 16.12 12.93 4.97
CA PHE A 100 16.67 11.63 4.58
C PHE A 100 17.31 11.68 3.21
N THR A 101 18.43 10.99 3.06
CA THR A 101 19.05 10.80 1.75
C THR A 101 18.13 9.99 0.85
N PRO A 102 18.41 9.94 -0.45
CA PRO A 102 17.58 9.10 -1.33
C PRO A 102 17.51 7.65 -0.90
N LEU A 103 18.63 7.04 -0.51
CA LEU A 103 18.56 5.64 -0.11
C LEU A 103 17.83 5.48 1.22
N GLU A 104 18.04 6.41 2.17
CA GLU A 104 17.30 6.37 3.43
C GLU A 104 15.81 6.59 3.20
N THR A 105 15.45 7.42 2.22
CA THR A 105 14.05 7.64 1.87
C THR A 105 13.36 6.34 1.47
N VAL A 106 14.05 5.48 0.72
CA VAL A 106 13.48 4.19 0.34
C VAL A 106 13.18 3.37 1.59
N GLU A 107 14.15 3.33 2.52
CA GLU A 107 13.99 2.57 3.76
C GLU A 107 12.83 3.10 4.58
N GLU A 108 12.73 4.44 4.69
CA GLU A 108 11.66 5.04 5.48
CA GLU A 108 11.66 5.04 5.47
C GLU A 108 10.28 4.85 4.83
N MET A 109 10.21 4.86 3.50
CA MET A 109 8.95 4.56 2.81
C MET A 109 8.45 3.16 3.17
N LEU A 110 9.33 2.17 3.10
CA LEU A 110 8.91 0.82 3.41
C LEU A 110 8.59 0.65 4.89
N HIS A 111 9.29 1.37 5.77
CA HIS A 111 8.95 1.31 7.20
C HIS A 111 7.54 1.84 7.44
N ARG A 112 7.22 2.98 6.83
CA ARG A 112 5.87 3.54 6.94
CA ARG A 112 5.87 3.53 6.95
C ARG A 112 4.83 2.59 6.37
N ALA A 113 5.17 1.91 5.27
CA ALA A 113 4.24 0.95 4.68
C ALA A 113 4.00 -0.23 5.61
N ALA A 114 5.04 -0.71 6.30
CA ALA A 114 4.88 -1.79 7.27
C ALA A 114 3.94 -1.36 8.38
N GLN A 115 4.15 -0.15 8.90
CA GLN A 115 3.25 0.40 9.92
C GLN A 115 1.82 0.49 9.39
N ALA A 116 1.65 0.96 8.14
CA ALA A 116 0.31 1.08 7.56
C ALA A 116 -0.35 -0.29 7.41
N PHE A 117 0.41 -1.31 7.00
CA PHE A 117 -0.18 -2.64 6.92
C PHE A 117 -0.62 -3.14 8.29
N ARG A 118 0.11 -2.76 9.34
CA ARG A 118 -0.26 -3.18 10.68
C ARG A 118 -1.53 -2.49 11.17
N ASP A 119 -1.71 -1.21 10.82
CA ASP A 119 -2.65 -0.33 11.51
C ASP A 119 -3.80 0.19 10.67
N ASP A 120 -3.65 0.27 9.35
CA ASP A 120 -4.51 1.12 8.53
C ASP A 120 -5.47 0.30 7.68
N PRO A 121 -6.79 0.37 7.90
CA PRO A 121 -7.71 -0.42 7.07
C PRO A 121 -7.62 -0.10 5.59
N VAL A 122 -7.23 1.11 5.20
CA VAL A 122 -7.09 1.41 3.79
C VAL A 122 -6.02 0.52 3.15
N MET A 123 -4.86 0.42 3.81
CA MET A 123 -3.81 -0.46 3.32
C MET A 123 -4.23 -1.92 3.39
N GLN A 124 -4.82 -2.36 4.51
CA GLN A 124 -5.26 -3.73 4.61
C GLN A 124 -6.30 -4.08 3.54
N ALA A 125 -7.25 -3.17 3.29
CA ALA A 125 -8.29 -3.45 2.28
C ALA A 125 -7.72 -3.52 0.87
N GLY A 126 -6.86 -2.57 0.51
CA GLY A 126 -6.24 -2.64 -0.81
C GLY A 126 -5.52 -3.95 -1.04
N ALA A 127 -4.76 -4.42 -0.05
CA ALA A 127 -4.02 -5.67 -0.24
C ALA A 127 -4.96 -6.86 -0.24
N ARG A 128 -5.99 -6.84 0.59
CA ARG A 128 -6.93 -7.97 0.61
C ARG A 128 -7.69 -8.05 -0.70
N LEU A 129 -8.15 -6.92 -1.24
CA LEU A 129 -8.82 -6.92 -2.53
C LEU A 129 -7.88 -7.40 -3.64
N GLN A 130 -6.62 -6.97 -3.60
CA GLN A 130 -5.69 -7.42 -4.63
C GLN A 130 -5.41 -8.90 -4.52
N SER A 131 -5.43 -9.45 -3.30
CA SER A 131 -5.24 -10.90 -3.17
C SER A 131 -6.47 -11.65 -3.66
N GLU A 132 -7.66 -11.04 -3.56
CA GLU A 132 -8.89 -11.62 -4.11
C GLU A 132 -9.12 -11.21 -5.56
N ARG A 133 -8.03 -10.88 -6.25
CA ARG A 133 -8.07 -10.28 -7.58
C ARG A 133 -8.72 -11.20 -8.61
N ALA A 134 -8.43 -12.50 -8.54
CA ALA A 134 -8.95 -13.42 -9.54
C ALA A 134 -10.47 -13.52 -9.51
N SER A 135 -11.10 -13.25 -8.36
CA SER A 135 -12.54 -13.48 -8.23
C SER A 135 -13.33 -12.21 -7.97
N ILE A 136 -12.82 -11.05 -8.40
CA ILE A 136 -13.59 -9.80 -8.44
C ILE A 136 -13.79 -9.41 -9.90
N ASP A 137 -15.05 -9.31 -10.32
CA ASP A 137 -15.38 -9.16 -11.73
C ASP A 137 -15.22 -7.71 -12.19
N ALA A 138 -13.99 -7.22 -12.13
CA ALA A 138 -13.66 -5.88 -12.61
C ALA A 138 -12.15 -5.75 -12.70
N GLU A 139 -11.70 -4.84 -13.56
CA GLU A 139 -10.27 -4.60 -13.75
C GLU A 139 -9.79 -3.72 -12.60
N LEU A 140 -9.17 -4.34 -11.61
CA LEU A 140 -8.50 -3.59 -10.57
C LEU A 140 -7.21 -2.99 -11.12
N PRO A 141 -6.66 -1.97 -10.46
CA PRO A 141 -5.34 -1.48 -10.85
C PRO A 141 -4.32 -2.60 -10.78
N LEU A 142 -3.35 -2.56 -11.67
CA LEU A 142 -2.29 -3.56 -11.62
C LEU A 142 -1.54 -3.45 -10.30
N PRO A 143 -1.27 -4.56 -9.61
CA PRO A 143 -0.51 -4.50 -8.38
C PRO A 143 0.99 -4.34 -8.67
N TYR A 144 1.70 -3.92 -7.62
CA TYR A 144 3.16 -3.86 -7.53
C TYR A 144 3.82 -2.80 -8.39
N VAL A 145 3.20 -2.43 -9.51
CA VAL A 145 3.90 -1.57 -10.47
C VAL A 145 4.02 -0.15 -9.92
N ASP A 146 3.00 0.35 -9.22
CA ASP A 146 3.05 1.71 -8.71
C ASP A 146 4.19 1.88 -7.71
N TRP A 147 4.33 0.93 -6.77
CA TRP A 147 5.40 1.01 -5.79
C TRP A 147 6.75 0.79 -6.44
N THR A 148 6.83 -0.10 -7.44
CA THR A 148 8.10 -0.32 -8.12
C THR A 148 8.59 0.97 -8.78
N HIS A 149 7.70 1.62 -9.53
CA HIS A 149 8.08 2.87 -10.19
C HIS A 149 8.38 3.95 -9.17
N LEU A 150 7.63 3.98 -8.08
CA LEU A 150 7.81 5.00 -7.04
C LEU A 150 9.20 4.90 -6.41
N LEU A 151 9.63 3.69 -6.05
CA LEU A 151 10.93 3.53 -5.41
C LEU A 151 12.09 3.60 -6.39
N GLU A 152 11.87 3.35 -7.68
CA GLU A 152 13.00 3.42 -8.60
C GLU A 152 13.62 4.82 -8.65
N VAL A 153 12.81 5.88 -8.48
CA VAL A 153 13.36 7.23 -8.62
C VAL A 153 14.34 7.54 -7.49
N PRO A 154 14.00 7.36 -6.20
CA PRO A 154 15.03 7.60 -5.19
C PRO A 154 16.18 6.61 -5.25
N LEU A 155 15.96 5.37 -5.71
CA LEU A 155 17.09 4.46 -5.90
C LEU A 155 18.05 4.96 -6.96
N GLN A 156 17.51 5.52 -8.06
CA GLN A 156 18.35 6.14 -9.08
C GLN A 156 19.08 7.35 -8.54
N ASP A 157 18.40 8.18 -7.73
CA ASP A 157 19.09 9.28 -7.08
C ASP A 157 20.21 8.77 -6.17
N ALA A 158 19.98 7.65 -5.48
CA ALA A 158 21.03 7.06 -4.65
C ALA A 158 22.21 6.62 -5.52
N ARG A 159 21.93 6.02 -6.68
CA ARG A 159 23.02 5.64 -7.58
C ARG A 159 23.83 6.85 -7.98
N GLU A 160 23.16 7.94 -8.36
CA GLU A 160 23.86 9.13 -8.84
C GLU A 160 24.67 9.78 -7.73
N ALA A 161 24.24 9.62 -6.48
CA ALA A 161 24.95 10.19 -5.33
C ALA A 161 26.01 9.26 -4.77
N GLY A 162 26.23 8.12 -5.41
CA GLY A 162 27.23 7.18 -4.92
C GLY A 162 26.81 6.40 -3.70
N GLN A 163 25.52 6.35 -3.40
CA GLN A 163 25.01 5.72 -2.20
C GLN A 163 24.70 4.24 -2.38
N LEU A 164 24.68 3.76 -3.63
CA LEU A 164 24.38 2.37 -3.93
C LEU A 164 25.64 1.59 -4.26
N ARG A 165 25.68 0.35 -3.81
CA ARG A 165 26.80 -0.52 -4.12
C ARG A 165 26.99 -0.60 -5.63
N ALA A 166 28.26 -0.62 -6.06
CA ALA A 166 28.60 -0.70 -7.47
C ALA A 166 28.02 -1.98 -8.08
N GLY A 167 27.40 -1.85 -9.23
CA GLY A 167 26.81 -2.97 -9.89
C GLY A 167 25.34 -3.17 -9.59
N VAL A 168 24.80 -2.52 -8.56
CA VAL A 168 23.37 -2.66 -8.26
C VAL A 168 22.60 -1.72 -9.18
N ASP A 169 21.69 -2.30 -9.96
CA ASP A 169 20.83 -1.56 -10.86
C ASP A 169 19.61 -1.04 -10.10
N PRO A 170 19.37 0.27 -10.06
CA PRO A 170 18.20 0.78 -9.32
C PRO A 170 16.89 0.14 -9.71
N ALA A 171 16.66 -0.16 -11.00
CA ALA A 171 15.38 -0.76 -11.36
C ALA A 171 15.26 -2.18 -10.83
N ALA A 172 16.37 -2.93 -10.83
CA ALA A 172 16.37 -4.26 -10.23
C ALA A 172 16.16 -4.19 -8.72
N ALA A 173 16.82 -3.23 -8.07
CA ALA A 173 16.63 -3.07 -6.63
C ALA A 173 15.18 -2.75 -6.30
N ALA A 174 14.52 -1.92 -7.13
CA ALA A 174 13.13 -1.55 -6.87
C ALA A 174 12.24 -2.78 -6.97
N ARG A 175 12.44 -3.57 -8.04
CA ARG A 175 11.64 -4.78 -8.19
C ARG A 175 11.87 -5.72 -7.03
N SER A 176 13.13 -5.88 -6.60
CA SER A 176 13.44 -6.85 -5.55
C SER A 176 12.86 -6.40 -4.22
N LEU A 177 12.94 -5.11 -3.92
CA LEU A 177 12.40 -4.61 -2.67
C LEU A 177 10.88 -4.76 -2.63
N VAL A 178 10.19 -4.38 -3.72
CA VAL A 178 8.74 -4.46 -3.73
C VAL A 178 8.29 -5.91 -3.57
N ALA A 179 8.95 -6.84 -4.28
CA ALA A 179 8.59 -8.25 -4.19
C ALA A 179 8.85 -8.79 -2.79
N ALA A 180 10.01 -8.48 -2.24
CA ALA A 180 10.36 -9.03 -0.92
C ALA A 180 9.47 -8.45 0.17
N PHE A 181 9.22 -7.14 0.10
CA PHE A 181 8.35 -6.53 1.08
C PHE A 181 6.96 -7.12 1.00
N PHE A 182 6.41 -7.24 -0.22
CA PHE A 182 5.08 -7.82 -0.35
C PHE A 182 5.04 -9.23 0.26
N GLY A 183 6.07 -10.02 -0.02
CA GLY A 183 6.09 -11.38 0.49
C GLY A 183 6.10 -11.40 2.01
N MET A 184 6.96 -10.58 2.61
CA MET A 184 7.06 -10.48 4.05
C MET A 184 5.71 -10.15 4.67
N GLN A 185 5.04 -9.10 4.17
CA GLN A 185 3.79 -8.69 4.82
C GLN A 185 2.71 -9.73 4.58
N HIS A 186 2.75 -10.39 3.43
CA HIS A 186 1.75 -11.40 3.10
C HIS A 186 1.90 -12.64 4.00
N VAL A 187 3.13 -13.11 4.17
CA VAL A 187 3.39 -14.22 5.10
C VAL A 187 2.92 -13.84 6.50
N SER A 188 3.27 -12.63 6.95
CA SER A 188 2.87 -12.18 8.27
C SER A 188 1.36 -12.13 8.41
N ASP A 189 0.65 -11.68 7.38
CA ASP A 189 -0.81 -11.70 7.43
C ASP A 189 -1.34 -13.13 7.48
N ASN A 190 -0.84 -14.01 6.61
CA ASN A 190 -1.37 -15.37 6.51
C ASN A 190 -1.19 -16.14 7.80
N LEU A 191 -0.02 -16.01 8.42
CA LEU A 191 0.29 -16.85 9.56
C LEU A 191 -0.03 -16.19 10.90
N HIS A 192 0.03 -14.86 10.97
CA HIS A 192 -0.06 -14.18 12.26
C HIS A 192 -0.96 -12.94 12.25
N GLN A 193 -1.73 -12.72 11.17
CA GLN A 193 -2.59 -11.53 11.07
C GLN A 193 -1.78 -10.24 11.24
N ARG A 194 -0.54 -10.28 10.72
CA ARG A 194 0.41 -9.17 10.75
C ARG A 194 0.82 -8.78 12.17
N ALA A 195 0.64 -9.66 13.16
CA ALA A 195 1.05 -9.31 14.51
C ALA A 195 2.54 -9.03 14.59
N ASP A 196 3.35 -9.83 13.88
CA ASP A 196 4.80 -9.73 13.92
C ASP A 196 5.38 -8.93 12.76
N ILE A 197 4.56 -8.12 12.08
CA ILE A 197 5.05 -7.57 10.80
C ILE A 197 6.27 -6.67 11.01
N MET A 198 6.30 -5.90 12.10
CA MET A 198 7.45 -5.01 12.27
C MET A 198 8.74 -5.78 12.54
N GLU A 199 8.66 -6.90 13.24
CA GLU A 199 9.86 -7.69 13.51
C GLU A 199 10.31 -8.42 12.25
N ARG A 200 9.35 -8.90 11.45
CA ARG A 200 9.71 -9.53 10.18
C ARG A 200 10.29 -8.51 9.20
N TRP A 201 9.73 -7.30 9.16
CA TRP A 201 10.30 -6.30 8.27
C TRP A 201 11.70 -5.92 8.72
N GLN A 202 11.90 -5.75 10.03
CA GLN A 202 13.22 -5.32 10.48
C GLN A 202 14.29 -6.29 10.03
N GLU A 203 14.05 -7.59 10.16
CA GLU A 203 15.11 -8.53 9.81
C GLU A 203 15.34 -8.58 8.31
N LEU A 204 14.27 -8.42 7.51
CA LEU A 204 14.42 -8.40 6.07
C LEU A 204 15.11 -7.11 5.60
N ARG A 205 14.68 -5.98 6.15
CA ARG A 205 15.27 -4.68 5.89
C ARG A 205 16.78 -4.68 6.13
N GLU A 206 17.21 -5.21 7.27
CA GLU A 206 18.64 -5.25 7.55
C GLU A 206 19.41 -5.97 6.45
N LEU A 207 18.92 -7.11 5.98
CA LEU A 207 19.59 -7.83 4.91
C LEU A 207 19.58 -7.05 3.61
N MET A 208 18.40 -6.62 3.18
CA MET A 208 18.33 -5.99 1.87
CA MET A 208 18.26 -5.95 1.89
C MET A 208 19.11 -4.68 1.84
N PHE A 209 19.02 -3.87 2.88
CA PHE A 209 19.77 -2.62 2.78
C PHE A 209 21.26 -2.80 3.02
N PHE A 210 21.67 -3.84 3.75
CA PHE A 210 23.10 -4.16 3.77
C PHE A 210 23.61 -4.41 2.35
N ALA A 211 22.78 -5.04 1.53
CA ALA A 211 23.20 -5.38 0.19
C ALA A 211 23.08 -4.21 -0.79
N LEU A 212 22.29 -3.19 -0.46
CA LEU A 212 22.16 -2.03 -1.36
C LEU A 212 23.16 -0.92 -1.07
N ARG A 213 23.58 -0.72 0.18
CA ARG A 213 24.40 0.44 0.52
C ARG A 213 25.79 0.29 -0.06
N ALA A 214 26.34 1.39 -0.55
CA ALA A 214 27.73 1.41 -0.98
C ALA A 214 28.64 1.08 0.20
#